data_6W1A
#
_entry.id   6W1A
#
_cell.length_a   110.269
_cell.length_b   110.269
_cell.length_c   173.984
_cell.angle_alpha   90.000
_cell.angle_beta   90.000
_cell.angle_gamma   120.000
#
_symmetry.space_group_name_H-M   'P 65'
#
loop_
_entity.id
_entity.type
_entity.pdbx_description
1 polymer 'Transcriptional regulator'
2 polymer 'DNA (30-MER)'
3 polymer 'DNA (30-MER)'
4 non-polymer 'PHOSPHATE ION'
5 non-polymer GLYCEROL
6 water water
#
loop_
_entity_poly.entity_id
_entity_poly.type
_entity_poly.pdbx_seq_one_letter_code
_entity_poly.pdbx_strand_id
1 'polypeptide(L)'
;MDKELGKTLRRLRQGKQVSISSLADEHLSKSQISRFERGESEISCSRLLNLLDKLNITIDEFVSTHSKTHTHFFTLLSRV
RKYYAEKNVAKLLKLLEDYAHKDYESTMIKAILSSIEPTVEPSEEEVTRLTDYLFSVEQWGYYEIILLGNCSRFINYNTL
FLLTKEMVTSFAYSEQNKTNKTLVTQLSINCLIISIDYSYFDHSHYLIEKIEFLLRDELNFYEKTVFLYVHGYYKLKQGQ
VSGKDDMRQALQIFKYLGEDALYYSYKEHYRKEVLGDEEDEEEG
;
A,B
2 'polydeoxyribonucleotide'
;(DC)(DC)(DA)(DT)(DT)(DT)(DT)(DT)(DC)(DC)(DC)(DA)(DC)(DT)(DT)(DT)(DC)(DA)(DC)(DA)
(DA)(DC)(DA)(DA)(DA)(DA)(DA)(DA)(DT)(DT)
;
E
3 'polydeoxyribonucleotide'
;(DT)(DT)(DT)(DT)(DT)(DT)(DG)(DT)(DT)(DG)(DT)(DG)(DA)(DA)(DA)(DG)(DT)(DG)(DG)(DG)
(DA)(DA)(DA)(DA)(DA)(DT)(DG)(DG)(DA)(DA)
;
F
#
# COMPACT_ATOMS: atom_id res chain seq x y z
N LYS A 3 -11.33 -23.56 7.00
CA LYS A 3 -12.52 -22.73 6.79
C LYS A 3 -12.63 -22.30 5.34
N GLU A 4 -12.55 -23.28 4.42
CA GLU A 4 -12.76 -23.06 2.99
C GLU A 4 -11.65 -22.19 2.38
N LEU A 5 -10.40 -22.51 2.71
CA LEU A 5 -9.26 -21.85 2.07
C LEU A 5 -8.77 -22.59 0.84
N GLY A 6 -9.15 -23.86 0.68
CA GLY A 6 -8.79 -24.58 -0.52
C GLY A 6 -9.55 -24.13 -1.75
N LYS A 7 -10.83 -23.78 -1.55
CA LYS A 7 -11.67 -23.28 -2.64
C LYS A 7 -11.00 -22.15 -3.40
N THR A 8 -10.64 -21.07 -2.70
CA THR A 8 -10.05 -19.92 -3.38
C THR A 8 -8.65 -20.23 -3.89
N LEU A 9 -7.90 -21.09 -3.19
CA LEU A 9 -6.61 -21.51 -3.71
C LEU A 9 -6.77 -22.29 -5.01
N ARG A 10 -7.86 -23.05 -5.14
CA ARG A 10 -8.14 -23.73 -6.41
C ARG A 10 -8.42 -22.73 -7.52
N ARG A 11 -9.19 -21.69 -7.23
CA ARG A 11 -9.54 -20.72 -8.27
C ARG A 11 -8.32 -19.89 -8.68
N LEU A 12 -7.43 -19.62 -7.73
CA LEU A 12 -6.19 -18.90 -8.05
C LEU A 12 -5.24 -19.80 -8.83
N ARG A 13 -5.20 -21.09 -8.49
CA ARG A 13 -4.28 -22.00 -9.15
C ARG A 13 -4.74 -22.31 -10.57
N GLN A 14 -6.04 -22.52 -10.75
CA GLN A 14 -6.57 -22.76 -12.09
C GLN A 14 -6.50 -21.51 -12.95
N GLY A 15 -6.61 -20.33 -12.34
CA GLY A 15 -6.52 -19.09 -13.09
C GLY A 15 -5.16 -18.85 -13.68
N LYS A 16 -4.11 -19.39 -13.05
CA LYS A 16 -2.77 -19.32 -13.60
C LYS A 16 -2.44 -20.52 -14.47
N GLN A 17 -3.38 -21.45 -14.66
CA GLN A 17 -3.25 -22.57 -15.60
C GLN A 17 -2.06 -23.46 -15.25
N VAL A 18 -1.82 -23.66 -13.96
CA VAL A 18 -0.69 -24.46 -13.49
C VAL A 18 -1.22 -25.77 -12.91
N SER A 19 -0.47 -26.85 -13.12
CA SER A 19 -0.71 -28.17 -12.53
C SER A 19 -0.88 -28.10 -11.02
N ILE A 20 -1.60 -29.08 -10.47
CA ILE A 20 -1.54 -29.30 -9.02
C ILE A 20 -0.12 -29.64 -8.58
N SER A 21 0.54 -30.54 -9.31
CA SER A 21 1.82 -31.08 -8.88
C SER A 21 3.02 -30.21 -9.21
N SER A 22 2.85 -29.13 -9.98
CA SER A 22 3.82 -28.04 -9.94
C SER A 22 4.10 -27.65 -8.49
N LEU A 23 3.03 -27.47 -7.72
CA LEU A 23 3.14 -27.04 -6.34
C LEU A 23 3.50 -28.17 -5.40
N ALA A 24 3.40 -29.42 -5.87
CA ALA A 24 3.82 -30.55 -5.04
C ALA A 24 5.34 -30.58 -4.92
N ASP A 25 5.82 -30.99 -3.75
CA ASP A 25 7.25 -31.04 -3.48
C ASP A 25 7.48 -31.94 -2.28
N GLU A 26 8.69 -31.90 -1.73
CA GLU A 26 9.02 -32.66 -0.53
C GLU A 26 8.13 -32.26 0.65
N HIS A 27 7.62 -31.04 0.64
CA HIS A 27 6.95 -30.46 1.81
C HIS A 27 5.47 -30.82 1.91
N LEU A 28 4.81 -31.17 0.81
CA LEU A 28 3.39 -31.45 0.86
C LEU A 28 2.99 -32.44 -0.24
N SER A 29 2.02 -33.28 0.08
CA SER A 29 1.41 -34.19 -0.88
C SER A 29 1.03 -33.48 -2.18
N LYS A 30 1.00 -34.25 -3.26
CA LYS A 30 0.28 -33.81 -4.45
C LYS A 30 -1.21 -34.11 -4.36
N SER A 31 -1.62 -34.98 -3.43
CA SER A 31 -3.04 -35.26 -3.22
C SER A 31 -3.68 -34.38 -2.17
N GLN A 32 -2.97 -34.04 -1.10
CA GLN A 32 -3.54 -33.17 -0.07
C GLN A 32 -4.00 -31.86 -0.68
N ILE A 33 -3.23 -31.35 -1.65
CA ILE A 33 -3.64 -30.16 -2.39
C ILE A 33 -5.03 -30.37 -2.98
N SER A 34 -5.30 -31.58 -3.47
CA SER A 34 -6.56 -31.86 -4.13
C SER A 34 -7.72 -31.88 -3.13
N ARG A 35 -7.51 -32.47 -1.96
CA ARG A 35 -8.60 -32.52 -1.00
C ARG A 35 -8.63 -31.30 -0.09
N PHE A 36 -7.49 -30.59 0.05
CA PHE A 36 -7.54 -29.26 0.65
C PHE A 36 -8.36 -28.32 -0.22
N GLU A 37 -8.21 -28.43 -1.54
CA GLU A 37 -8.96 -27.60 -2.47
C GLU A 37 -10.44 -27.96 -2.54
N ARG A 38 -10.86 -29.05 -1.93
CA ARG A 38 -12.27 -29.45 -1.93
C ARG A 38 -12.89 -29.40 -0.55
N GLY A 39 -12.27 -28.69 0.39
CA GLY A 39 -12.86 -28.53 1.71
C GLY A 39 -12.95 -29.81 2.50
N GLU A 40 -12.18 -30.83 2.12
CA GLU A 40 -12.18 -32.11 2.83
C GLU A 40 -11.00 -32.28 3.75
N SER A 41 -9.94 -31.48 3.58
CA SER A 41 -8.82 -31.47 4.50
C SER A 41 -8.29 -30.05 4.56
N GLU A 42 -7.60 -29.73 5.65
CA GLU A 42 -7.01 -28.41 5.84
C GLU A 42 -5.51 -28.57 6.05
N ILE A 43 -4.72 -27.79 5.32
CA ILE A 43 -3.28 -27.94 5.31
C ILE A 43 -2.66 -26.97 6.32
N SER A 44 -1.45 -27.32 6.77
CA SER A 44 -0.61 -26.39 7.48
C SER A 44 -0.46 -25.09 6.71
N CYS A 45 -0.32 -23.99 7.44
CA CYS A 45 -0.10 -22.69 6.83
C CYS A 45 1.32 -22.52 6.34
N SER A 46 2.29 -23.14 7.03
CA SER A 46 3.65 -23.22 6.50
C SER A 46 3.67 -23.76 5.07
N ARG A 47 2.84 -24.78 4.82
CA ARG A 47 2.79 -25.36 3.49
C ARG A 47 1.99 -24.49 2.53
N LEU A 48 1.02 -23.73 3.04
CA LEU A 48 0.27 -22.82 2.18
C LEU A 48 1.16 -21.69 1.70
N LEU A 49 2.01 -21.15 2.58
CA LEU A 49 2.96 -20.12 2.16
C LEU A 49 3.91 -20.65 1.10
N ASN A 50 4.25 -21.95 1.18
CA ASN A 50 5.08 -22.56 0.15
C ASN A 50 4.30 -22.73 -1.16
N LEU A 51 3.05 -23.21 -1.06
CA LEU A 51 2.18 -23.28 -2.23
C LEU A 51 2.05 -21.93 -2.91
N LEU A 52 1.75 -20.89 -2.12
CA LEU A 52 1.63 -19.54 -2.68
C LEU A 52 2.95 -19.03 -3.23
N ASP A 53 4.07 -19.46 -2.65
CA ASP A 53 5.37 -19.00 -3.13
C ASP A 53 5.62 -19.46 -4.56
N LYS A 54 5.32 -20.73 -4.85
CA LYS A 54 5.51 -21.24 -6.20
C LYS A 54 4.49 -20.68 -7.18
N LEU A 55 3.33 -20.26 -6.70
CA LEU A 55 2.36 -19.57 -7.55
C LEU A 55 2.67 -18.09 -7.70
N ASN A 56 3.68 -17.60 -6.98
CA ASN A 56 4.06 -16.18 -6.98
C ASN A 56 2.92 -15.30 -6.51
N ILE A 57 2.08 -15.81 -5.61
CA ILE A 57 0.98 -15.05 -5.03
C ILE A 57 1.37 -14.73 -3.59
N THR A 58 1.59 -13.45 -3.30
CA THR A 58 1.66 -12.96 -1.93
C THR A 58 0.54 -13.52 -1.06
N ILE A 59 0.91 -13.90 0.17
CA ILE A 59 -0.08 -14.21 1.21
C ILE A 59 -1.09 -13.07 1.37
N ASP A 60 -0.69 -11.82 1.13
CA ASP A 60 -1.63 -10.72 1.25
C ASP A 60 -2.70 -10.78 0.16
N GLU A 61 -2.30 -11.03 -1.09
CA GLU A 61 -3.28 -11.16 -2.16
C GLU A 61 -4.20 -12.36 -1.92
N PHE A 62 -3.64 -13.46 -1.40
CA PHE A 62 -4.42 -14.69 -1.23
C PHE A 62 -5.59 -14.47 -0.29
N VAL A 63 -5.32 -13.94 0.91
CA VAL A 63 -6.41 -13.81 1.88
C VAL A 63 -7.25 -12.57 1.63
N SER A 64 -6.90 -11.77 0.62
CA SER A 64 -7.76 -10.73 0.09
C SER A 64 -8.23 -11.09 -1.32
N THR A 65 -8.26 -12.39 -1.62
CA THR A 65 -9.11 -12.93 -2.68
C THR A 65 -10.08 -13.97 -2.17
N HIS A 66 -9.81 -14.58 -1.00
CA HIS A 66 -10.71 -15.48 -0.29
C HIS A 66 -11.91 -14.72 0.26
N SER A 67 -11.67 -13.92 1.29
CA SER A 67 -12.56 -12.90 1.82
C SER A 67 -11.75 -11.60 1.81
N LYS A 68 -12.42 -10.47 2.03
CA LYS A 68 -11.70 -9.23 2.27
C LYS A 68 -12.02 -8.63 3.62
N THR A 69 -13.30 -8.58 4.00
CA THR A 69 -13.66 -8.42 5.40
C THR A 69 -13.61 -9.81 6.05
N HIS A 70 -12.38 -10.26 6.25
CA HIS A 70 -12.08 -11.53 6.88
C HIS A 70 -11.74 -11.30 8.34
N THR A 71 -10.78 -10.40 8.58
CA THR A 71 -10.44 -9.92 9.92
C THR A 71 -11.69 -9.42 10.65
N HIS A 72 -11.72 -9.65 11.96
CA HIS A 72 -12.73 -8.99 12.78
C HIS A 72 -12.62 -7.48 12.69
N PHE A 73 -11.39 -6.97 12.60
CA PHE A 73 -11.17 -5.52 12.61
C PHE A 73 -11.59 -4.88 11.30
N PHE A 74 -11.20 -5.48 10.16
CA PHE A 74 -11.49 -4.82 8.89
C PHE A 74 -12.97 -4.94 8.53
N THR A 75 -13.64 -5.98 9.00
CA THR A 75 -15.09 -6.00 8.91
C THR A 75 -15.70 -4.77 9.57
N LEU A 76 -15.19 -4.40 10.75
CA LEU A 76 -15.68 -3.21 11.43
C LEU A 76 -15.40 -1.94 10.61
N LEU A 77 -14.18 -1.81 10.07
CA LEU A 77 -13.80 -0.58 9.39
C LEU A 77 -14.56 -0.38 8.08
N SER A 78 -14.60 -1.41 7.23
CA SER A 78 -15.49 -1.40 6.07
C SER A 78 -16.89 -0.93 6.44
N ARG A 79 -17.46 -1.50 7.50
CA ARG A 79 -18.83 -1.15 7.84
C ARG A 79 -18.90 0.26 8.39
N VAL A 80 -17.82 0.75 8.98
CA VAL A 80 -17.79 2.12 9.46
C VAL A 80 -17.61 3.09 8.29
N ARG A 81 -16.69 2.79 7.36
CA ARG A 81 -16.53 3.62 6.18
C ARG A 81 -17.76 3.60 5.28
N LYS A 82 -18.47 2.49 5.23
CA LYS A 82 -19.74 2.42 4.50
C LYS A 82 -20.76 3.41 5.08
N TYR A 83 -21.05 3.28 6.38
CA TYR A 83 -22.11 4.10 6.94
C TYR A 83 -21.67 5.54 7.10
N TYR A 84 -20.36 5.77 7.26
CA TYR A 84 -19.86 7.14 7.35
C TYR A 84 -19.96 7.85 6.01
N ALA A 85 -19.67 7.14 4.92
CA ALA A 85 -19.79 7.73 3.59
C ALA A 85 -21.23 8.12 3.25
N GLU A 86 -22.21 7.48 3.86
CA GLU A 86 -23.61 7.84 3.67
C GLU A 86 -24.10 8.87 4.69
N LYS A 87 -23.23 9.31 5.60
CA LYS A 87 -23.55 10.28 6.64
C LYS A 87 -24.71 9.84 7.52
N ASN A 88 -25.01 8.54 7.53
CA ASN A 88 -26.16 8.02 8.25
C ASN A 88 -25.79 7.72 9.71
N VAL A 89 -26.41 8.43 10.64
CA VAL A 89 -26.13 8.22 12.05
C VAL A 89 -26.87 6.99 12.57
N ALA A 90 -28.04 6.69 12.00
CA ALA A 90 -28.84 5.56 12.47
C ALA A 90 -28.07 4.25 12.38
N LYS A 91 -27.53 3.93 11.19
CA LYS A 91 -26.78 2.69 11.06
C LYS A 91 -25.43 2.75 11.76
N LEU A 92 -24.93 3.95 12.07
CA LEU A 92 -23.69 4.04 12.83
C LEU A 92 -23.92 3.81 14.32
N LEU A 93 -24.98 4.38 14.89
CA LEU A 93 -25.25 4.15 16.30
C LEU A 93 -25.81 2.76 16.56
N LYS A 94 -26.47 2.14 15.58
CA LYS A 94 -26.77 0.72 15.68
C LYS A 94 -25.48 -0.08 15.77
N LEU A 95 -24.47 0.30 14.99
CA LEU A 95 -23.20 -0.43 14.98
C LEU A 95 -22.40 -0.18 16.25
N LEU A 96 -22.77 0.86 17.02
CA LEU A 96 -22.20 1.05 18.34
C LEU A 96 -22.79 0.06 19.34
N GLU A 97 -24.02 -0.40 19.09
CA GLU A 97 -24.65 -1.36 19.98
C GLU A 97 -24.21 -2.79 19.69
N ASP A 98 -23.91 -3.09 18.42
CA ASP A 98 -23.44 -4.43 18.08
C ASP A 98 -22.04 -4.67 18.62
N TYR A 99 -21.25 -3.60 18.80
CA TYR A 99 -19.86 -3.71 19.24
C TYR A 99 -19.69 -3.21 20.67
N ALA A 100 -20.76 -3.27 21.47
CA ALA A 100 -20.67 -2.83 22.86
C ALA A 100 -19.72 -3.73 23.66
N HIS A 101 -19.61 -5.00 23.28
CA HIS A 101 -18.73 -5.95 23.93
C HIS A 101 -17.26 -5.78 23.51
N LYS A 102 -16.93 -4.81 22.67
CA LYS A 102 -15.54 -4.56 22.30
C LYS A 102 -15.19 -3.14 22.73
N ASP A 103 -14.28 -3.01 23.69
CA ASP A 103 -14.03 -1.71 24.31
C ASP A 103 -13.35 -0.76 23.34
N TYR A 104 -12.13 -1.09 22.90
CA TYR A 104 -11.41 -0.19 22.01
C TYR A 104 -12.17 0.05 20.72
N GLU A 105 -12.85 -0.98 20.20
CA GLU A 105 -13.60 -0.82 18.96
C GLU A 105 -14.74 0.18 19.12
N SER A 106 -15.54 0.06 20.18
CA SER A 106 -16.66 0.98 20.33
C SER A 106 -16.21 2.36 20.75
N THR A 107 -15.07 2.46 21.46
CA THR A 107 -14.49 3.77 21.70
C THR A 107 -14.12 4.44 20.38
N MET A 108 -13.62 3.64 19.43
CA MET A 108 -13.24 4.21 18.15
C MET A 108 -14.47 4.65 17.35
N ILE A 109 -15.55 3.87 17.43
CA ILE A 109 -16.77 4.25 16.71
C ILE A 109 -17.30 5.58 17.24
N LYS A 110 -17.31 5.76 18.56
CA LYS A 110 -17.76 7.03 19.14
C LYS A 110 -16.89 8.19 18.66
N ALA A 111 -15.58 7.97 18.54
CA ALA A 111 -14.70 9.02 18.05
C ALA A 111 -15.02 9.39 16.62
N ILE A 112 -15.23 8.40 15.76
CA ILE A 112 -15.61 8.68 14.37
C ILE A 112 -17.02 9.24 14.31
N LEU A 113 -17.91 8.75 15.17
CA LEU A 113 -19.31 9.15 15.07
C LEU A 113 -19.49 10.64 15.34
N SER A 114 -18.68 11.22 16.23
CA SER A 114 -18.85 12.62 16.57
C SER A 114 -18.25 13.55 15.52
N SER A 115 -17.55 12.99 14.53
CA SER A 115 -17.20 13.76 13.34
C SER A 115 -18.44 14.32 12.68
N ILE A 116 -19.50 13.52 12.61
CA ILE A 116 -20.73 13.90 11.92
C ILE A 116 -21.89 14.07 12.88
N GLU A 117 -21.67 13.90 14.18
CA GLU A 117 -22.77 13.97 15.14
C GLU A 117 -22.23 14.22 16.54
N PRO A 118 -22.26 15.47 17.01
CA PRO A 118 -21.53 15.82 18.24
C PRO A 118 -22.10 15.23 19.52
N THR A 119 -23.35 14.78 19.53
CA THR A 119 -23.97 14.20 20.72
C THR A 119 -23.08 13.16 21.39
N VAL A 120 -22.72 12.11 20.66
CA VAL A 120 -21.91 11.02 21.20
C VAL A 120 -20.43 11.41 21.17
N GLU A 121 -19.77 11.26 22.31
CA GLU A 121 -18.34 11.50 22.42
C GLU A 121 -17.73 10.36 23.22
N PRO A 122 -16.46 10.02 22.97
CA PRO A 122 -15.78 9.03 23.82
C PRO A 122 -15.57 9.60 25.21
N SER A 123 -15.99 8.83 26.22
CA SER A 123 -15.61 9.08 27.60
C SER A 123 -14.12 9.41 27.72
N GLU A 124 -13.79 10.24 28.71
CA GLU A 124 -12.41 10.36 29.13
C GLU A 124 -11.85 9.02 29.61
N GLU A 125 -12.70 8.17 30.19
CA GLU A 125 -12.24 6.88 30.71
C GLU A 125 -11.99 5.87 29.60
N GLU A 126 -12.83 5.88 28.55
CA GLU A 126 -12.61 4.97 27.43
C GLU A 126 -11.33 5.31 26.68
N VAL A 127 -11.08 6.61 26.44
CA VAL A 127 -9.86 6.97 25.73
C VAL A 127 -8.65 6.69 26.59
N THR A 128 -8.77 6.80 27.91
CA THR A 128 -7.67 6.43 28.79
C THR A 128 -7.44 4.93 28.76
N ARG A 129 -8.52 4.13 28.73
CA ARG A 129 -8.37 2.69 28.56
C ARG A 129 -7.72 2.36 27.23
N LEU A 130 -7.98 3.15 26.19
CA LEU A 130 -7.38 2.89 24.90
C LEU A 130 -5.90 3.25 24.89
N THR A 131 -5.56 4.45 25.36
CA THR A 131 -4.16 4.86 25.37
C THR A 131 -3.34 3.98 26.30
N ASP A 132 -3.94 3.51 27.40
CA ASP A 132 -3.27 2.54 28.25
C ASP A 132 -2.90 1.29 27.46
N TYR A 133 -3.82 0.81 26.63
CA TYR A 133 -3.52 -0.35 25.79
C TYR A 133 -2.42 -0.03 24.78
N LEU A 134 -2.50 1.14 24.15
CA LEU A 134 -1.49 1.51 23.15
C LEU A 134 -0.11 1.63 23.78
N PHE A 135 -0.04 2.09 25.03
CA PHE A 135 1.24 2.11 25.74
C PHE A 135 1.72 0.70 26.05
N SER A 136 0.80 -0.26 26.22
CA SER A 136 1.20 -1.63 26.54
C SER A 136 1.82 -2.34 25.33
N VAL A 137 1.28 -2.11 24.13
CA VAL A 137 1.69 -2.89 22.96
C VAL A 137 3.17 -2.70 22.66
N GLU A 138 3.89 -3.82 22.55
CA GLU A 138 5.34 -3.79 22.30
C GLU A 138 5.66 -3.44 20.85
N GLN A 139 4.86 -3.93 19.89
CA GLN A 139 5.08 -3.68 18.48
C GLN A 139 3.78 -3.21 17.85
N TRP A 140 3.77 -1.98 17.36
CA TRP A 140 2.56 -1.39 16.80
C TRP A 140 2.25 -1.97 15.43
N GLY A 141 1.01 -2.41 15.25
CA GLY A 141 0.56 -2.88 13.96
C GLY A 141 -0.57 -2.04 13.38
N TYR A 142 -1.17 -2.52 12.29
CA TYR A 142 -2.28 -1.80 11.67
C TYR A 142 -3.39 -1.53 12.67
N TYR A 143 -3.69 -2.51 13.52
CA TYR A 143 -4.73 -2.34 14.54
C TYR A 143 -4.45 -1.11 15.41
N GLU A 144 -3.25 -1.04 15.98
CA GLU A 144 -2.93 0.05 16.90
C GLU A 144 -2.86 1.39 16.16
N ILE A 145 -2.34 1.39 14.93
CA ILE A 145 -2.20 2.64 14.17
C ILE A 145 -3.57 3.23 13.86
N ILE A 146 -4.52 2.39 13.44
CA ILE A 146 -5.85 2.89 13.14
C ILE A 146 -6.53 3.42 14.39
N LEU A 147 -6.39 2.71 15.51
CA LEU A 147 -7.00 3.17 16.76
C LEU A 147 -6.44 4.53 17.17
N LEU A 148 -5.13 4.70 17.08
CA LEU A 148 -4.53 5.99 17.43
C LEU A 148 -5.00 7.10 16.51
N GLY A 149 -5.04 6.83 15.20
CA GLY A 149 -5.41 7.88 14.26
C GLY A 149 -6.87 8.27 14.35
N ASN A 150 -7.75 7.31 14.59
CA ASN A 150 -9.18 7.62 14.59
C ASN A 150 -9.69 8.16 15.92
N CYS A 151 -8.92 8.06 16.99
CA CYS A 151 -9.31 8.60 18.28
C CYS A 151 -8.44 9.78 18.70
N SER A 152 -7.59 10.29 17.80
CA SER A 152 -6.57 11.24 18.22
C SER A 152 -7.12 12.63 18.53
N ARG A 153 -8.38 12.92 18.23
CA ARG A 153 -8.97 14.20 18.58
C ARG A 153 -9.72 14.16 19.90
N PHE A 154 -9.57 13.08 20.66
CA PHE A 154 -10.01 13.02 22.04
C PHE A 154 -8.88 12.64 22.99
N ILE A 155 -7.68 12.39 22.46
CA ILE A 155 -6.48 12.15 23.26
C ILE A 155 -5.78 13.48 23.50
N ASN A 156 -5.53 13.79 24.77
CA ASN A 156 -4.80 15.02 25.09
C ASN A 156 -3.43 14.99 24.44
N TYR A 157 -2.91 16.18 24.14
CA TYR A 157 -1.76 16.28 23.25
C TYR A 157 -0.54 15.56 23.81
N ASN A 158 -0.27 15.72 25.10
CA ASN A 158 0.97 15.21 25.66
C ASN A 158 1.12 13.71 25.47
N THR A 159 0.06 12.95 25.73
CA THR A 159 0.13 11.51 25.51
C THR A 159 0.01 11.18 24.03
N LEU A 160 -0.60 12.06 23.23
CA LEU A 160 -0.63 11.84 21.79
C LEU A 160 0.76 11.86 21.19
N PHE A 161 1.62 12.77 21.67
CA PHE A 161 3.00 12.78 21.21
C PHE A 161 3.75 11.55 21.70
N LEU A 162 3.59 11.21 22.98
CA LEU A 162 4.29 10.07 23.53
C LEU A 162 3.86 8.78 22.82
N LEU A 163 2.58 8.66 22.48
CA LEU A 163 2.12 7.51 21.70
C LEU A 163 2.66 7.59 20.27
N THR A 164 2.71 8.79 19.69
CA THR A 164 3.30 8.95 18.37
C THR A 164 4.76 8.53 18.37
N LYS A 165 5.50 8.94 19.40
CA LYS A 165 6.91 8.57 19.50
C LYS A 165 7.07 7.05 19.62
N GLU A 166 6.23 6.40 20.43
CA GLU A 166 6.34 4.96 20.57
C GLU A 166 5.94 4.24 19.29
N MET A 167 4.94 4.76 18.57
CA MET A 167 4.53 4.15 17.31
C MET A 167 5.62 4.23 16.26
N VAL A 168 6.18 5.43 16.05
CA VAL A 168 7.27 5.61 15.09
C VAL A 168 8.42 4.67 15.39
N THR A 169 8.79 4.55 16.65
CA THR A 169 10.00 3.80 17.01
C THR A 169 9.77 2.30 17.05
N SER A 170 8.53 1.82 16.92
CA SER A 170 8.27 0.40 17.17
C SER A 170 7.10 -0.11 16.33
N PHE A 171 7.00 0.31 15.07
CA PHE A 171 5.95 -0.22 14.21
C PHE A 171 6.55 -1.16 13.17
N ALA A 172 5.75 -2.14 12.75
CA ALA A 172 6.19 -3.18 11.82
C ALA A 172 5.76 -2.83 10.40
N TYR A 173 6.74 -2.71 9.49
CA TYR A 173 6.44 -2.39 8.10
C TYR A 173 7.22 -3.34 7.20
N SER A 174 6.52 -3.92 6.23
CA SER A 174 7.15 -4.70 5.17
C SER A 174 7.59 -3.81 4.02
N GLU A 175 8.65 -4.23 3.33
CA GLU A 175 9.17 -3.47 2.20
C GLU A 175 8.37 -3.73 0.93
N GLN A 176 7.45 -4.69 0.95
CA GLN A 176 6.52 -4.90 -0.14
C GLN A 176 5.14 -4.32 0.13
N ASN A 177 4.76 -4.18 1.40
CA ASN A 177 3.50 -3.59 1.81
C ASN A 177 3.83 -2.45 2.76
N LYS A 178 3.82 -1.23 2.23
CA LYS A 178 4.17 -0.03 2.97
C LYS A 178 2.96 0.66 3.57
N THR A 179 1.83 -0.06 3.72
CA THR A 179 0.61 0.58 4.19
C THR A 179 0.76 1.09 5.63
N ASN A 180 1.44 0.33 6.48
CA ASN A 180 1.68 0.78 7.84
C ASN A 180 2.64 1.97 7.87
N LYS A 181 3.69 1.92 7.05
CA LYS A 181 4.65 3.02 7.05
C LYS A 181 4.01 4.31 6.56
N THR A 182 3.16 4.23 5.54
CA THR A 182 2.50 5.44 5.04
C THR A 182 1.62 6.04 6.11
N LEU A 183 0.83 5.22 6.80
CA LEU A 183 -0.05 5.70 7.86
C LEU A 183 0.76 6.36 8.98
N VAL A 184 1.84 5.70 9.42
CA VAL A 184 2.66 6.24 10.50
C VAL A 184 3.20 7.62 10.13
N THR A 185 3.58 7.82 8.87
CA THR A 185 4.05 9.14 8.46
C THR A 185 2.89 10.13 8.44
N GLN A 186 1.71 9.71 8.00
CA GLN A 186 0.56 10.59 8.03
C GLN A 186 0.22 10.99 9.47
N LEU A 187 0.33 10.05 10.40
CA LEU A 187 -0.05 10.33 11.78
C LEU A 187 0.95 11.22 12.48
N SER A 188 2.25 11.09 12.14
CA SER A 188 3.22 11.94 12.79
C SER A 188 3.38 13.29 12.12
N ILE A 189 2.89 13.43 10.89
CA ILE A 189 2.68 14.76 10.33
C ILE A 189 1.50 15.43 11.03
N ASN A 190 0.45 14.66 11.30
CA ASN A 190 -0.72 15.20 11.99
C ASN A 190 -0.39 15.67 13.40
N CYS A 191 0.58 15.02 14.04
CA CYS A 191 0.92 15.44 15.39
C CYS A 191 2.05 16.47 15.40
N LEU A 192 2.75 16.63 14.28
CA LEU A 192 3.69 17.73 14.14
C LEU A 192 2.96 19.07 14.05
N ILE A 193 1.90 19.14 13.25
CA ILE A 193 1.22 20.43 13.07
C ILE A 193 0.54 20.88 14.36
N ILE A 194 0.10 19.93 15.19
CA ILE A 194 -0.42 20.30 16.50
C ILE A 194 0.71 20.76 17.40
N SER A 195 1.90 20.14 17.27
CA SER A 195 3.02 20.57 18.09
C SER A 195 3.50 21.97 17.73
N ILE A 196 3.29 22.38 16.47
CA ILE A 196 3.59 23.75 16.08
C ILE A 196 2.52 24.70 16.65
N ASP A 197 1.26 24.28 16.63
CA ASP A 197 0.20 25.13 17.16
C ASP A 197 0.43 25.48 18.62
N TYR A 198 1.01 24.56 19.39
CA TYR A 198 1.38 24.83 20.77
C TYR A 198 2.84 25.23 20.91
N SER A 199 3.52 25.43 19.78
CA SER A 199 4.95 25.75 19.72
C SER A 199 5.76 24.96 20.75
N TYR A 200 5.60 23.64 20.67
CA TYR A 200 6.47 22.69 21.35
C TYR A 200 7.58 22.27 20.39
N PHE A 201 8.46 23.24 20.12
CA PHE A 201 9.40 23.10 19.03
C PHE A 201 10.38 21.95 19.23
N ASP A 202 10.57 21.50 20.46
CA ASP A 202 11.34 20.26 20.65
C ASP A 202 10.58 19.07 20.10
N HIS A 203 9.28 18.99 20.37
CA HIS A 203 8.46 17.95 19.74
C HIS A 203 8.47 18.10 18.22
N SER A 204 8.43 19.35 17.74
CA SER A 204 8.42 19.57 16.31
C SER A 204 9.74 19.11 15.68
N HIS A 205 10.86 19.42 16.34
CA HIS A 205 12.16 18.98 15.83
C HIS A 205 12.25 17.47 15.76
N TYR A 206 11.82 16.78 16.82
CA TYR A 206 11.87 15.32 16.81
C TYR A 206 11.03 14.74 15.69
N LEU A 207 9.82 15.29 15.49
CA LEU A 207 8.92 14.75 14.48
C LEU A 207 9.39 15.07 13.07
N ILE A 208 10.01 16.24 12.88
CA ILE A 208 10.46 16.61 11.54
C ILE A 208 11.53 15.65 11.04
N GLU A 209 12.45 15.26 11.92
CA GLU A 209 13.51 14.36 11.48
C GLU A 209 13.01 12.94 11.32
N LYS A 210 12.00 12.54 12.09
CA LYS A 210 11.40 11.23 11.87
C LYS A 210 10.61 11.20 10.55
N ILE A 211 9.91 12.30 10.24
CA ILE A 211 9.16 12.36 9.00
C ILE A 211 10.11 12.38 7.81
N GLU A 212 11.20 13.14 7.91
CA GLU A 212 12.19 13.16 6.83
C GLU A 212 12.80 11.79 6.60
N PHE A 213 12.99 11.01 7.67
CA PHE A 213 13.54 9.67 7.51
C PHE A 213 12.52 8.74 6.87
N LEU A 214 11.25 8.88 7.24
CA LEU A 214 10.22 8.01 6.69
C LEU A 214 9.94 8.30 5.22
N LEU A 215 10.28 9.49 4.72
CA LEU A 215 10.00 9.84 3.34
C LEU A 215 11.13 9.53 2.38
N ARG A 216 12.31 9.14 2.86
CA ARG A 216 13.42 8.85 1.95
C ARG A 216 13.17 7.57 1.16
N ASP A 217 13.53 7.63 -0.13
CA ASP A 217 13.37 6.51 -1.06
C ASP A 217 11.91 6.09 -1.20
N GLU A 218 11.01 7.05 -1.04
CA GLU A 218 9.57 6.85 -1.21
C GLU A 218 9.03 7.95 -2.11
N LEU A 219 7.92 7.65 -2.79
CA LEU A 219 7.27 8.70 -3.56
C LEU A 219 6.39 9.49 -2.60
N ASN A 220 5.23 8.93 -2.27
CA ASN A 220 4.32 9.49 -1.27
C ASN A 220 4.18 11.00 -1.40
N PHE A 221 3.65 11.43 -2.55
CA PHE A 221 3.56 12.85 -2.82
C PHE A 221 2.56 13.52 -1.88
N TYR A 222 1.47 12.84 -1.54
CA TYR A 222 0.48 13.43 -0.63
C TYR A 222 1.11 13.77 0.72
N GLU A 223 1.84 12.82 1.30
CA GLU A 223 2.53 13.08 2.55
C GLU A 223 3.54 14.22 2.40
N LYS A 224 4.16 14.32 1.22
CA LYS A 224 5.18 15.35 1.01
C LYS A 224 4.61 16.74 0.86
N THR A 225 3.41 16.91 0.28
CA THR A 225 2.88 18.27 0.17
C THR A 225 2.34 18.77 1.50
N VAL A 226 1.61 17.93 2.24
CA VAL A 226 1.17 18.35 3.55
C VAL A 226 2.36 18.56 4.47
N PHE A 227 3.44 17.80 4.27
CA PHE A 227 4.66 18.08 5.01
C PHE A 227 5.27 19.39 4.57
N LEU A 228 5.21 19.70 3.27
CA LEU A 228 5.69 20.99 2.79
C LEU A 228 4.92 22.12 3.45
N TYR A 229 3.60 21.97 3.59
CA TYR A 229 2.81 22.95 4.32
C TYR A 229 3.19 22.98 5.79
N VAL A 230 3.22 21.81 6.44
CA VAL A 230 3.41 21.78 7.89
C VAL A 230 4.84 22.14 8.27
N HIS A 231 5.82 21.60 7.54
CA HIS A 231 7.20 22.00 7.80
C HIS A 231 7.41 23.47 7.52
N GLY A 232 6.72 24.02 6.51
CA GLY A 232 6.78 25.45 6.28
C GLY A 232 6.08 26.22 7.39
N TYR A 233 4.97 25.68 7.88
CA TYR A 233 4.31 26.27 9.04
C TYR A 233 5.25 26.30 10.25
N TYR A 234 6.14 25.32 10.37
CA TYR A 234 7.12 25.34 11.44
C TYR A 234 8.10 26.50 11.28
N LYS A 235 8.63 26.68 10.07
CA LYS A 235 9.56 27.79 9.85
C LYS A 235 8.88 29.14 9.96
N LEU A 236 7.57 29.21 9.77
CA LEU A 236 6.86 30.47 9.97
C LEU A 236 6.91 30.88 11.44
N LYS A 237 6.69 29.95 12.35
CA LYS A 237 6.79 30.24 13.78
C LYS A 237 8.23 30.38 14.25
N GLN A 238 9.21 30.06 13.41
CA GLN A 238 10.62 30.22 13.74
C GLN A 238 11.21 31.50 13.13
N GLY A 239 10.35 32.48 12.84
CA GLY A 239 10.79 33.75 12.32
C GLY A 239 11.40 33.68 10.93
N GLN A 240 10.81 32.88 10.06
CA GLN A 240 11.25 32.76 8.67
C GLN A 240 10.04 32.86 7.75
N VAL A 241 10.00 33.90 6.93
CA VAL A 241 8.87 34.11 6.03
C VAL A 241 8.90 33.09 4.90
N SER A 242 10.06 32.52 4.61
CA SER A 242 10.15 31.41 3.66
C SER A 242 9.12 30.33 3.97
N GLY A 243 8.85 30.10 5.26
CA GLY A 243 7.88 29.08 5.63
C GLY A 243 6.50 29.36 5.08
N LYS A 244 6.15 30.64 4.91
CA LYS A 244 4.86 30.99 4.35
C LYS A 244 4.82 30.79 2.84
N ASP A 245 5.99 30.77 2.18
CA ASP A 245 6.02 30.38 0.78
C ASP A 245 5.75 28.89 0.62
N ASP A 246 6.24 28.08 1.56
CA ASP A 246 6.00 26.65 1.49
C ASP A 246 4.53 26.32 1.73
N MET A 247 3.88 27.04 2.65
CA MET A 247 2.48 26.79 2.93
C MET A 247 1.61 27.06 1.71
N ARG A 248 1.87 28.15 1.00
CA ARG A 248 1.03 28.47 -0.15
C ARG A 248 1.37 27.61 -1.36
N GLN A 249 2.63 27.18 -1.49
CA GLN A 249 2.96 26.25 -2.56
C GLN A 249 2.23 24.92 -2.38
N ALA A 250 2.08 24.47 -1.14
CA ALA A 250 1.32 23.26 -0.87
C ALA A 250 -0.15 23.46 -1.19
N LEU A 251 -0.70 24.65 -0.88
CA LEU A 251 -2.09 24.93 -1.21
C LEU A 251 -2.32 24.91 -2.71
N GLN A 252 -1.36 25.41 -3.49
CA GLN A 252 -1.53 25.39 -4.93
C GLN A 252 -1.42 23.97 -5.48
N ILE A 253 -0.67 23.10 -4.80
CA ILE A 253 -0.65 21.70 -5.20
C ILE A 253 -2.02 21.08 -5.00
N PHE A 254 -2.66 21.36 -3.88
CA PHE A 254 -4.05 20.93 -3.68
C PHE A 254 -4.95 21.51 -4.77
N LYS A 255 -4.70 22.76 -5.17
CA LYS A 255 -5.51 23.39 -6.20
C LYS A 255 -5.30 22.72 -7.55
N TYR A 256 -4.03 22.46 -7.92
CA TYR A 256 -3.76 21.93 -9.25
C TYR A 256 -4.26 20.49 -9.40
N LEU A 257 -4.35 19.74 -8.30
CA LEU A 257 -4.76 18.35 -8.34
C LEU A 257 -6.23 18.14 -8.02
N GLY A 258 -7.02 19.22 -7.95
CA GLY A 258 -8.43 19.11 -7.71
C GLY A 258 -8.84 18.65 -6.33
N GLU A 259 -7.90 18.56 -5.38
CA GLU A 259 -8.21 18.14 -4.01
C GLU A 259 -8.84 19.31 -3.27
N ASP A 260 -10.14 19.50 -3.51
CA ASP A 260 -10.83 20.66 -2.95
C ASP A 260 -10.98 20.54 -1.43
N ALA A 261 -11.30 19.34 -0.93
CA ALA A 261 -11.50 19.16 0.51
C ALA A 261 -10.24 19.48 1.29
N LEU A 262 -9.09 19.02 0.81
CA LEU A 262 -7.84 19.32 1.48
C LEU A 262 -7.46 20.78 1.34
N TYR A 263 -7.79 21.39 0.19
CA TYR A 263 -7.46 22.80 -0.01
C TYR A 263 -8.19 23.69 0.98
N TYR A 264 -9.49 23.48 1.16
N TYR A 264 -9.48 23.47 1.17
CA TYR A 264 -10.26 24.30 2.08
CA TYR A 264 -10.25 24.31 2.08
C TYR A 264 -9.85 24.05 3.53
C TYR A 264 -9.92 24.02 3.54
N SER A 265 -9.48 22.81 3.87
CA SER A 265 -9.09 22.48 5.23
C SER A 265 -7.73 23.04 5.62
N TYR A 266 -6.81 23.17 4.67
CA TYR A 266 -5.48 23.69 4.94
C TYR A 266 -5.39 25.19 4.73
N LYS A 267 -6.20 25.76 3.84
CA LYS A 267 -6.21 27.21 3.70
C LYS A 267 -6.99 27.88 4.82
N GLU A 268 -7.95 27.18 5.42
CA GLU A 268 -8.65 27.73 6.58
C GLU A 268 -7.75 27.74 7.81
N HIS A 269 -6.86 26.76 7.94
CA HIS A 269 -5.84 26.83 8.99
C HIS A 269 -4.77 27.85 8.62
N TYR A 270 -4.54 28.04 7.32
CA TYR A 270 -3.63 29.08 6.86
C TYR A 270 -4.15 30.46 7.22
N ARG A 271 -5.44 30.71 6.94
CA ARG A 271 -6.02 32.02 7.15
C ARG A 271 -6.25 32.33 8.64
N LYS A 272 -6.21 31.32 9.49
CA LYS A 272 -6.39 31.57 10.90
C LYS A 272 -5.09 31.89 11.64
N GLU A 273 -3.93 31.49 11.09
CA GLU A 273 -2.66 31.76 11.77
C GLU A 273 -1.65 32.47 10.87
N VAL A 274 -2.11 33.15 9.83
CA VAL A 274 -1.29 33.99 8.98
C VAL A 274 -2.07 35.27 8.72
N LEU A 275 -3.39 35.10 8.50
CA LEU A 275 -4.33 36.15 8.14
C LEU A 275 -5.04 36.74 9.35
N GLY A 276 -5.50 35.92 10.29
CA GLY A 276 -6.22 36.40 11.45
C GLY A 276 -7.58 36.97 11.09
N GLU B 4 7.93 -23.43 13.54
CA GLU B 4 8.95 -22.47 13.13
C GLU B 4 8.42 -21.05 13.29
N LEU B 5 7.12 -20.91 13.05
CA LEU B 5 6.39 -19.67 13.23
C LEU B 5 5.84 -19.52 14.64
N GLY B 6 5.97 -20.57 15.46
CA GLY B 6 5.46 -20.50 16.82
C GLY B 6 6.16 -19.49 17.70
N LYS B 7 7.47 -19.30 17.52
CA LYS B 7 8.19 -18.30 18.31
C LYS B 7 7.53 -16.92 18.19
N THR B 8 7.38 -16.43 16.97
CA THR B 8 6.84 -15.10 16.80
C THR B 8 5.39 -15.02 17.23
N LEU B 9 4.64 -16.12 17.07
CA LEU B 9 3.31 -16.15 17.67
C LEU B 9 3.39 -16.02 19.18
N ARG B 10 4.41 -16.63 19.78
CA ARG B 10 4.66 -16.42 21.20
C ARG B 10 5.16 -15.00 21.47
N ARG B 11 6.07 -14.51 20.64
CA ARG B 11 6.66 -13.19 20.87
C ARG B 11 5.65 -12.08 20.64
N LEU B 12 4.76 -12.24 19.65
CA LEU B 12 3.72 -11.22 19.44
C LEU B 12 2.67 -11.27 20.54
N ARG B 13 2.32 -12.48 21.00
CA ARG B 13 1.27 -12.60 22.00
C ARG B 13 1.77 -12.19 23.38
N GLN B 14 3.02 -12.52 23.70
CA GLN B 14 3.60 -12.02 24.95
C GLN B 14 3.80 -10.51 24.91
N GLY B 15 4.07 -9.96 23.73
CA GLY B 15 4.23 -8.52 23.60
C GLY B 15 2.94 -7.76 23.83
N LYS B 16 1.80 -8.38 23.54
CA LYS B 16 0.50 -7.78 23.82
C LYS B 16 -0.04 -8.17 25.18
N GLN B 17 0.73 -8.94 25.96
CA GLN B 17 0.42 -9.24 27.36
C GLN B 17 -0.93 -9.95 27.51
N VAL B 18 -1.25 -10.84 26.57
CA VAL B 18 -2.49 -11.61 26.62
C VAL B 18 -2.16 -13.07 26.90
N SER B 19 -2.98 -13.70 27.75
CA SER B 19 -2.91 -15.14 28.04
C SER B 19 -2.93 -16.01 26.79
N ILE B 20 -2.36 -17.21 26.90
CA ILE B 20 -2.58 -18.25 25.89
C ILE B 20 -4.07 -18.58 25.78
N SER B 21 -4.74 -18.72 26.92
CA SER B 21 -6.12 -19.19 26.91
C SER B 21 -7.11 -18.07 26.58
N SER B 22 -6.66 -16.83 26.48
CA SER B 22 -7.39 -15.79 25.77
C SER B 22 -7.83 -16.27 24.38
N LEU B 23 -6.87 -16.81 23.62
CA LEU B 23 -7.10 -17.17 22.22
C LEU B 23 -7.81 -18.50 22.03
N ALA B 24 -7.98 -19.29 23.09
CA ALA B 24 -8.67 -20.58 22.94
C ALA B 24 -10.15 -20.38 22.64
N ASP B 25 -10.69 -21.28 21.83
CA ASP B 25 -12.08 -21.19 21.39
C ASP B 25 -12.53 -22.55 20.89
N GLU B 26 -13.70 -22.59 20.24
CA GLU B 26 -14.20 -23.82 19.65
C GLU B 26 -13.25 -24.39 18.61
N HIS B 27 -12.45 -23.54 17.97
CA HIS B 27 -11.66 -23.96 16.81
C HIS B 27 -10.32 -24.55 17.19
N LEU B 28 -9.75 -24.19 18.34
CA LEU B 28 -8.49 -24.79 18.74
C LEU B 28 -8.38 -24.75 20.26
N SER B 29 -8.02 -25.89 20.83
CA SER B 29 -7.61 -26.08 22.22
C SER B 29 -6.51 -25.13 22.67
N LYS B 30 -6.40 -24.94 23.97
CA LYS B 30 -5.20 -24.34 24.54
C LYS B 30 -4.03 -25.32 24.57
N SER B 31 -4.31 -26.61 24.38
CA SER B 31 -3.30 -27.65 24.30
C SER B 31 -2.15 -27.33 23.35
N GLN B 32 -2.38 -27.59 22.06
CA GLN B 32 -1.35 -27.44 21.03
C GLN B 32 -0.77 -26.04 20.97
N ILE B 33 -1.55 -25.00 21.30
CA ILE B 33 -1.01 -23.64 21.35
C ILE B 33 0.29 -23.59 22.14
N SER B 34 0.41 -24.40 23.20
CA SER B 34 1.61 -24.37 24.02
C SER B 34 2.82 -24.93 23.26
N ARG B 35 2.65 -26.02 22.52
CA ARG B 35 3.77 -26.60 21.80
C ARG B 35 3.96 -26.01 20.42
N PHE B 36 2.89 -25.48 19.81
CA PHE B 36 3.06 -24.75 18.56
C PHE B 36 3.93 -23.53 18.77
N GLU B 37 3.73 -22.82 19.88
CA GLU B 37 4.60 -21.70 20.20
C GLU B 37 6.00 -22.17 20.60
N ARG B 38 6.19 -23.47 20.80
CA ARG B 38 7.49 -24.04 21.15
C ARG B 38 8.02 -24.97 20.07
N GLY B 39 7.49 -24.88 18.85
CA GLY B 39 8.02 -25.61 17.72
C GLY B 39 7.91 -27.12 17.76
N GLU B 40 7.01 -27.67 18.57
CA GLU B 40 6.84 -29.12 18.63
C GLU B 40 5.60 -29.60 17.88
N SER B 41 4.68 -28.71 17.54
CA SER B 41 3.51 -29.07 16.73
C SER B 41 3.16 -27.90 15.81
N GLU B 42 2.45 -28.23 14.73
CA GLU B 42 2.03 -27.25 13.74
C GLU B 42 0.52 -27.30 13.56
N ILE B 43 -0.13 -26.13 13.58
CA ILE B 43 -1.58 -26.06 13.54
C ILE B 43 -2.06 -25.86 12.10
N SER B 44 -3.34 -26.18 11.88
CA SER B 44 -4.07 -25.78 10.69
C SER B 44 -3.88 -24.30 10.40
N CYS B 45 -3.95 -23.95 9.11
CA CYS B 45 -3.76 -22.55 8.73
C CYS B 45 -4.98 -21.69 9.04
N SER B 46 -6.19 -22.23 8.86
CA SER B 46 -7.38 -21.50 9.29
C SER B 46 -7.33 -21.18 10.78
N ARG B 47 -6.80 -22.11 11.59
CA ARG B 47 -6.74 -21.89 13.03
C ARG B 47 -5.63 -20.92 13.42
N LEU B 48 -4.55 -20.87 12.64
CA LEU B 48 -3.54 -19.84 12.88
C LEU B 48 -4.08 -18.46 12.52
N LEU B 49 -4.83 -18.37 11.41
CA LEU B 49 -5.48 -17.12 11.05
C LEU B 49 -6.49 -16.69 12.11
N ASN B 50 -7.15 -17.65 12.77
CA ASN B 50 -8.07 -17.31 13.84
C ASN B 50 -7.33 -16.80 15.08
N LEU B 51 -6.22 -17.46 15.43
CA LEU B 51 -5.37 -16.96 16.50
C LEU B 51 -4.93 -15.52 16.22
N LEU B 52 -4.45 -15.27 15.00
CA LEU B 52 -4.02 -13.91 14.65
C LEU B 52 -5.19 -12.94 14.66
N ASP B 53 -6.39 -13.40 14.33
CA ASP B 53 -7.54 -12.51 14.33
C ASP B 53 -7.84 -12.02 15.73
N LYS B 54 -7.77 -12.91 16.72
CA LYS B 54 -8.05 -12.52 18.10
C LYS B 54 -6.96 -11.60 18.64
N LEU B 55 -5.76 -11.69 18.09
CA LEU B 55 -4.67 -10.76 18.40
C LEU B 55 -4.70 -9.51 17.52
N ASN B 56 -5.58 -9.43 16.54
CA ASN B 56 -5.65 -8.30 15.61
C ASN B 56 -4.34 -8.09 14.85
N ILE B 57 -3.64 -9.18 14.56
CA ILE B 57 -2.40 -9.15 13.80
C ILE B 57 -2.73 -9.66 12.39
N THR B 58 -2.61 -8.78 11.41
CA THR B 58 -2.57 -9.18 10.00
C THR B 58 -1.65 -10.38 9.80
N ILE B 59 -2.12 -11.36 9.02
CA ILE B 59 -1.23 -12.41 8.53
C ILE B 59 -0.02 -11.80 7.82
N ASP B 60 -0.19 -10.64 7.19
CA ASP B 60 0.92 -10.01 6.48
C ASP B 60 1.98 -9.51 7.45
N GLU B 61 1.56 -8.83 8.52
CA GLU B 61 2.53 -8.39 9.54
C GLU B 61 3.19 -9.58 10.20
N PHE B 62 2.43 -10.66 10.40
CA PHE B 62 2.98 -11.83 11.06
C PHE B 62 4.15 -12.41 10.27
N VAL B 63 3.94 -12.65 8.97
CA VAL B 63 4.99 -13.28 8.17
C VAL B 63 6.01 -12.27 7.65
N SER B 64 5.83 -10.98 7.92
CA SER B 64 6.87 -9.99 7.67
C SER B 64 7.42 -9.39 8.94
N THR B 65 7.15 -10.00 10.10
CA THR B 65 7.87 -9.72 11.33
C THR B 65 8.61 -10.94 11.86
N HIS B 66 8.22 -12.14 11.45
CA HIS B 66 8.98 -13.35 11.75
C HIS B 66 10.29 -13.34 10.98
N SER B 67 10.20 -13.40 9.65
CA SER B 67 11.36 -13.31 8.78
C SER B 67 11.24 -12.11 7.85
N LYS B 68 12.37 -11.79 7.23
CA LYS B 68 12.45 -10.87 6.10
C LYS B 68 13.02 -11.58 4.87
N THR B 69 13.08 -12.91 4.90
CA THR B 69 13.28 -13.77 3.73
C THR B 69 11.95 -13.86 3.01
N HIS B 70 11.79 -12.99 2.01
CA HIS B 70 10.54 -12.82 1.28
C HIS B 70 10.24 -14.03 0.39
N THR B 71 9.11 -13.96 -0.33
CA THR B 71 8.79 -14.89 -1.39
C THR B 71 9.94 -14.98 -2.41
N HIS B 72 10.02 -16.13 -3.07
CA HIS B 72 10.98 -16.34 -4.15
C HIS B 72 10.97 -15.20 -5.17
N PHE B 73 9.81 -14.57 -5.40
CA PHE B 73 9.77 -13.49 -6.37
C PHE B 73 10.44 -12.23 -5.84
N PHE B 74 10.17 -11.87 -4.58
CA PHE B 74 10.69 -10.62 -4.06
C PHE B 74 12.20 -10.72 -3.78
N THR B 75 12.71 -11.92 -3.49
CA THR B 75 14.16 -12.10 -3.48
C THR B 75 14.77 -11.72 -4.82
N LEU B 76 14.14 -12.12 -5.92
CA LEU B 76 14.67 -11.79 -7.24
C LEU B 76 14.68 -10.28 -7.47
N LEU B 77 13.57 -9.62 -7.14
CA LEU B 77 13.45 -8.18 -7.39
C LEU B 77 14.39 -7.40 -6.49
N SER B 78 14.44 -7.75 -5.21
CA SER B 78 15.49 -7.25 -4.32
C SER B 78 16.85 -7.27 -4.98
N ARG B 79 17.21 -8.42 -5.54
CA ARG B 79 18.56 -8.63 -6.03
C ARG B 79 18.83 -7.97 -7.38
N VAL B 80 17.80 -7.74 -8.20
CA VAL B 80 18.05 -7.01 -9.45
C VAL B 80 18.12 -5.50 -9.19
N ARG B 81 17.20 -4.98 -8.37
CA ARG B 81 17.29 -3.57 -7.96
C ARG B 81 18.55 -3.35 -7.14
N LYS B 82 19.03 -4.40 -6.50
CA LYS B 82 20.34 -4.44 -5.86
C LYS B 82 21.46 -4.02 -6.82
N TYR B 83 21.63 -4.77 -7.90
CA TYR B 83 22.71 -4.53 -8.84
C TYR B 83 22.41 -3.42 -9.83
N TYR B 84 21.13 -3.13 -10.09
CA TYR B 84 20.78 -2.05 -11.02
C TYR B 84 21.17 -0.69 -10.46
N ALA B 85 20.92 -0.46 -9.17
CA ALA B 85 21.37 0.78 -8.55
C ALA B 85 22.90 0.86 -8.50
N GLU B 86 23.57 -0.29 -8.50
CA GLU B 86 25.03 -0.35 -8.52
C GLU B 86 25.60 -0.45 -9.94
N LYS B 87 24.74 -0.53 -10.96
CA LYS B 87 25.15 -0.61 -12.36
C LYS B 87 26.11 -1.77 -12.63
N ASN B 88 26.16 -2.76 -11.75
CA ASN B 88 27.11 -3.86 -11.89
C ASN B 88 26.51 -4.90 -12.84
N VAL B 89 27.13 -5.05 -14.00
CA VAL B 89 26.62 -6.00 -14.99
C VAL B 89 27.05 -7.43 -14.68
N ALA B 90 28.23 -7.59 -14.08
CA ALA B 90 28.75 -8.94 -13.82
C ALA B 90 27.80 -9.72 -12.93
N LYS B 91 27.44 -9.15 -11.77
CA LYS B 91 26.49 -9.83 -10.89
C LYS B 91 25.05 -9.76 -11.40
N LEU B 92 24.75 -8.94 -12.41
CA LEU B 92 23.42 -8.99 -13.01
C LEU B 92 23.25 -10.24 -13.84
N LEU B 93 24.27 -10.59 -14.62
CA LEU B 93 24.26 -11.86 -15.35
C LEU B 93 24.46 -13.04 -14.41
N LYS B 94 24.92 -12.79 -13.18
CA LYS B 94 24.97 -13.83 -12.16
C LYS B 94 23.60 -14.48 -11.95
N LEU B 95 22.56 -13.66 -11.76
CA LEU B 95 21.24 -14.22 -11.49
C LEU B 95 20.54 -14.73 -12.74
N LEU B 96 21.04 -14.42 -13.93
CA LEU B 96 20.48 -15.04 -15.12
C LEU B 96 20.85 -16.52 -15.19
N GLU B 97 21.93 -16.92 -14.51
CA GLU B 97 22.33 -18.33 -14.49
C GLU B 97 21.52 -19.12 -13.47
N ASP B 98 21.16 -18.50 -12.35
CA ASP B 98 20.34 -19.19 -11.35
C ASP B 98 18.89 -19.34 -11.82
N TYR B 99 18.43 -18.46 -12.69
CA TYR B 99 17.03 -18.43 -13.09
C TYR B 99 16.81 -18.94 -14.51
N ALA B 100 17.73 -19.76 -15.03
CA ALA B 100 17.54 -20.31 -16.36
C ALA B 100 16.36 -21.28 -16.40
N HIS B 101 16.11 -21.98 -15.29
CA HIS B 101 14.99 -22.92 -15.21
C HIS B 101 13.65 -22.24 -14.97
N LYS B 102 13.64 -20.92 -14.82
CA LYS B 102 12.42 -20.14 -14.62
C LYS B 102 12.29 -19.20 -15.81
N ASP B 103 11.29 -19.45 -16.66
CA ASP B 103 11.19 -18.76 -17.94
C ASP B 103 10.87 -17.28 -17.77
N TYR B 104 9.70 -16.97 -17.22
CA TYR B 104 9.27 -15.58 -17.12
C TYR B 104 10.25 -14.75 -16.31
N GLU B 105 10.80 -15.33 -15.24
CA GLU B 105 11.80 -14.62 -14.45
C GLU B 105 13.03 -14.30 -15.29
N SER B 106 13.49 -15.27 -16.09
CA SER B 106 14.70 -15.07 -16.87
C SER B 106 14.48 -14.12 -18.03
N THR B 107 13.26 -14.07 -18.57
CA THR B 107 12.94 -13.04 -19.56
C THR B 107 13.02 -11.65 -18.93
N MET B 108 12.63 -11.54 -17.66
CA MET B 108 12.61 -10.23 -17.02
C MET B 108 14.01 -9.69 -16.79
N ILE B 109 14.96 -10.55 -16.37
CA ILE B 109 16.32 -10.08 -16.12
C ILE B 109 16.91 -9.46 -17.39
N LYS B 110 16.75 -10.13 -18.54
CA LYS B 110 17.25 -9.58 -19.79
C LYS B 110 16.62 -8.22 -20.09
N ALA B 111 15.33 -8.07 -19.79
CA ALA B 111 14.65 -6.80 -20.00
C ALA B 111 15.23 -5.70 -19.13
N ILE B 112 15.49 -6.00 -17.85
CA ILE B 112 16.09 -4.99 -16.98
C ILE B 112 17.53 -4.72 -17.40
N LEU B 113 18.24 -5.76 -17.84
CA LEU B 113 19.66 -5.62 -18.15
C LEU B 113 19.91 -4.69 -19.33
N SER B 114 19.01 -4.66 -20.31
CA SER B 114 19.26 -3.87 -21.49
C SER B 114 19.01 -2.39 -21.29
N SER B 115 18.46 -1.98 -20.14
CA SER B 115 18.46 -0.57 -19.78
C SER B 115 19.88 -0.01 -19.72
N ILE B 116 20.81 -0.77 -19.15
CA ILE B 116 22.17 -0.31 -18.91
C ILE B 116 23.19 -1.02 -19.78
N GLU B 117 22.76 -1.93 -20.65
CA GLU B 117 23.67 -2.70 -21.49
C GLU B 117 22.87 -3.31 -22.65
N PRO B 118 22.84 -2.64 -23.80
CA PRO B 118 21.87 -3.01 -24.84
C PRO B 118 22.13 -4.33 -25.56
N THR B 119 23.36 -4.86 -25.56
CA THR B 119 23.64 -6.10 -26.26
C THR B 119 22.68 -7.23 -25.89
N VAL B 120 22.56 -7.59 -24.62
CA VAL B 120 21.66 -8.68 -24.26
C VAL B 120 20.24 -8.14 -24.19
N GLU B 121 19.34 -8.76 -24.95
CA GLU B 121 17.92 -8.43 -24.98
C GLU B 121 17.12 -9.71 -25.02
N PRO B 122 15.88 -9.69 -24.49
CA PRO B 122 15.03 -10.88 -24.60
C PRO B 122 14.64 -11.17 -26.04
N SER B 123 14.84 -12.43 -26.45
CA SER B 123 14.27 -12.99 -27.67
C SER B 123 12.84 -12.56 -27.90
N GLU B 124 12.44 -12.42 -29.16
CA GLU B 124 11.02 -12.29 -29.50
C GLU B 124 10.22 -13.50 -29.02
N GLU B 125 10.83 -14.68 -28.98
CA GLU B 125 10.11 -15.89 -28.56
C GLU B 125 9.92 -15.93 -27.05
N GLU B 126 10.91 -15.46 -26.28
CA GLU B 126 10.74 -15.41 -24.83
C GLU B 126 9.68 -14.39 -24.43
N VAL B 127 9.66 -13.23 -25.09
CA VAL B 127 8.68 -12.21 -24.77
C VAL B 127 7.28 -12.68 -25.18
N THR B 128 7.18 -13.44 -26.27
CA THR B 128 5.89 -14.02 -26.64
C THR B 128 5.46 -15.07 -25.64
N ARG B 129 6.40 -15.89 -25.15
CA ARG B 129 6.07 -16.83 -24.09
C ARG B 129 5.60 -16.11 -22.84
N LEU B 130 6.15 -14.92 -22.57
CA LEU B 130 5.72 -14.16 -21.39
C LEU B 130 4.33 -13.57 -21.60
N THR B 131 4.10 -12.91 -22.74
CA THR B 131 2.79 -12.34 -22.98
C THR B 131 1.72 -13.42 -23.12
N ASP B 132 2.10 -14.58 -23.69
CA ASP B 132 1.19 -15.72 -23.71
C ASP B 132 0.74 -16.09 -22.31
N TYR B 133 1.69 -16.11 -21.37
CA TYR B 133 1.35 -16.38 -19.98
C TYR B 133 0.48 -15.27 -19.40
N LEU B 134 0.86 -14.01 -19.64
CA LEU B 134 0.08 -12.89 -19.11
C LEU B 134 -1.33 -12.88 -19.67
N PHE B 135 -1.50 -13.28 -20.94
CA PHE B 135 -2.83 -13.44 -21.50
C PHE B 135 -3.58 -14.59 -20.85
N SER B 136 -2.84 -15.60 -20.38
CA SER B 136 -3.48 -16.77 -19.76
C SER B 136 -4.04 -16.44 -18.38
N VAL B 137 -3.33 -15.60 -17.61
CA VAL B 137 -3.71 -15.36 -16.23
C VAL B 137 -5.10 -14.74 -16.15
N GLU B 138 -5.99 -15.38 -15.39
CA GLU B 138 -7.36 -14.89 -15.24
C GLU B 138 -7.43 -13.68 -14.31
N GLN B 139 -6.63 -13.66 -13.25
CA GLN B 139 -6.63 -12.58 -12.28
C GLN B 139 -5.19 -12.12 -12.06
N TRP B 140 -4.89 -10.88 -12.46
CA TRP B 140 -3.54 -10.36 -12.36
C TRP B 140 -3.19 -10.01 -10.92
N GLY B 141 -2.02 -10.47 -10.48
CA GLY B 141 -1.51 -10.10 -9.18
C GLY B 141 -0.19 -9.34 -9.30
N TYR B 142 0.47 -9.12 -8.15
CA TYR B 142 1.73 -8.40 -8.14
C TYR B 142 2.75 -9.02 -9.09
N TYR B 143 2.80 -10.36 -9.16
CA TYR B 143 3.72 -11.04 -10.05
C TYR B 143 3.54 -10.58 -11.49
N GLU B 144 2.31 -10.68 -12.01
CA GLU B 144 2.06 -10.36 -13.40
C GLU B 144 2.27 -8.87 -13.67
N ILE B 145 1.88 -8.01 -12.72
CA ILE B 145 2.03 -6.57 -12.91
C ILE B 145 3.50 -6.19 -13.03
N ILE B 146 4.35 -6.75 -12.17
CA ILE B 146 5.77 -6.42 -12.22
C ILE B 146 6.38 -6.93 -13.53
N LEU B 147 6.01 -8.15 -13.93
CA LEU B 147 6.52 -8.70 -15.18
C LEU B 147 6.13 -7.85 -16.37
N LEU B 148 4.87 -7.41 -16.43
CA LEU B 148 4.46 -6.55 -17.53
C LEU B 148 5.22 -5.24 -17.50
N GLY B 149 5.35 -4.62 -16.32
CA GLY B 149 5.97 -3.31 -16.25
C GLY B 149 7.44 -3.32 -16.58
N ASN B 150 8.16 -4.38 -16.18
CA ASN B 150 9.60 -4.40 -16.38
C ASN B 150 10.02 -4.86 -17.76
N CYS B 151 9.13 -5.48 -18.54
CA CYS B 151 9.41 -5.90 -19.91
C CYS B 151 8.62 -5.12 -20.95
N SER B 152 7.96 -4.02 -20.57
CA SER B 152 7.03 -3.36 -21.47
C SER B 152 7.71 -2.61 -22.60
N ARG B 153 9.03 -2.46 -22.59
CA ARG B 153 9.72 -1.83 -23.71
C ARG B 153 10.24 -2.84 -24.72
N PHE B 154 9.82 -4.10 -24.60
CA PHE B 154 10.04 -5.10 -25.63
C PHE B 154 8.74 -5.72 -26.10
N ILE B 155 7.61 -5.29 -25.57
CA ILE B 155 6.30 -5.71 -26.04
C ILE B 155 5.83 -4.72 -27.10
N ASN B 156 5.47 -5.22 -28.27
CA ASN B 156 4.94 -4.35 -29.31
C ASN B 156 3.67 -3.66 -28.80
N TYR B 157 3.39 -2.47 -29.34
CA TYR B 157 2.41 -1.60 -28.71
C TYR B 157 1.04 -2.25 -28.65
N ASN B 158 0.60 -2.89 -29.74
CA ASN B 158 -0.77 -3.40 -29.80
C ASN B 158 -1.03 -4.42 -28.70
N THR B 159 -0.10 -5.36 -28.48
CA THR B 159 -0.28 -6.33 -27.41
C THR B 159 0.00 -5.71 -26.04
N LEU B 160 0.79 -4.64 -25.98
CA LEU B 160 0.98 -3.94 -24.72
C LEU B 160 -0.32 -3.29 -24.26
N PHE B 161 -1.09 -2.72 -25.19
CA PHE B 161 -2.38 -2.15 -24.83
C PHE B 161 -3.35 -3.24 -24.40
N LEU B 162 -3.42 -4.33 -25.18
CA LEU B 162 -4.36 -5.39 -24.86
C LEU B 162 -4.05 -6.00 -23.49
N LEU B 163 -2.75 -6.16 -23.17
CA LEU B 163 -2.39 -6.66 -21.85
C LEU B 163 -2.72 -5.64 -20.76
N THR B 164 -2.49 -4.36 -21.05
CA THR B 164 -2.86 -3.31 -20.09
C THR B 164 -4.35 -3.31 -19.83
N LYS B 165 -5.15 -3.46 -20.88
CA LYS B 165 -6.60 -3.51 -20.71
C LYS B 165 -7.01 -4.69 -19.85
N GLU B 166 -6.37 -5.85 -20.06
CA GLU B 166 -6.70 -7.03 -19.26
C GLU B 166 -6.26 -6.86 -17.81
N MET B 167 -5.13 -6.19 -17.59
CA MET B 167 -4.67 -5.93 -16.23
C MET B 167 -5.64 -5.02 -15.48
N VAL B 168 -6.03 -3.90 -16.10
CA VAL B 168 -6.98 -2.99 -15.47
C VAL B 168 -8.26 -3.72 -15.06
N THR B 169 -8.79 -4.55 -15.95
CA THR B 169 -10.11 -5.13 -15.74
C THR B 169 -10.14 -6.36 -14.85
N SER B 170 -8.99 -6.90 -14.43
CA SER B 170 -8.99 -8.19 -13.74
C SER B 170 -7.81 -8.29 -12.79
N PHE B 171 -7.52 -7.24 -12.04
CA PHE B 171 -6.43 -7.23 -11.07
C PHE B 171 -6.97 -7.33 -9.64
N ALA B 172 -6.05 -7.63 -8.72
CA ALA B 172 -6.39 -7.92 -7.34
C ALA B 172 -6.69 -6.64 -6.55
N TYR B 173 -7.83 -6.64 -5.86
CA TYR B 173 -8.46 -5.47 -5.29
C TYR B 173 -8.63 -5.64 -3.78
N SER B 174 -8.23 -4.63 -3.01
CA SER B 174 -8.60 -4.54 -1.59
C SER B 174 -8.24 -3.16 -1.06
N GLU B 175 -9.03 -2.69 -0.09
CA GLU B 175 -8.85 -1.34 0.46
C GLU B 175 -7.80 -1.26 1.58
N GLN B 176 -7.19 -2.36 1.98
CA GLN B 176 -6.10 -2.21 2.95
C GLN B 176 -4.73 -2.18 2.30
N ASN B 177 -4.57 -2.79 1.14
CA ASN B 177 -3.30 -2.78 0.42
C ASN B 177 -3.55 -2.24 -0.98
N LYS B 178 -3.16 -0.99 -1.21
CA LYS B 178 -3.36 -0.35 -2.50
C LYS B 178 -2.12 -0.43 -3.38
N THR B 179 -1.14 -1.26 -3.03
CA THR B 179 0.10 -1.26 -3.80
C THR B 179 -0.13 -1.83 -5.20
N ASN B 180 -0.98 -2.84 -5.32
CA ASN B 180 -1.30 -3.38 -6.64
C ASN B 180 -2.09 -2.37 -7.45
N LYS B 181 -3.06 -1.70 -6.82
CA LYS B 181 -3.85 -0.71 -7.54
C LYS B 181 -2.98 0.46 -7.97
N THR B 182 -2.05 0.88 -7.11
CA THR B 182 -1.14 1.96 -7.49
C THR B 182 -0.25 1.56 -8.66
N LEU B 183 0.29 0.34 -8.63
CA LEU B 183 1.13 -0.12 -9.73
C LEU B 183 0.34 -0.14 -11.04
N VAL B 184 -0.88 -0.69 -11.00
CA VAL B 184 -1.73 -0.74 -12.19
C VAL B 184 -1.99 0.67 -12.72
N THR B 185 -2.11 1.64 -11.81
CA THR B 185 -2.33 3.01 -12.25
C THR B 185 -1.11 3.54 -12.99
N GLN B 186 0.09 3.35 -12.41
CA GLN B 186 1.30 3.79 -13.10
CA GLN B 186 1.31 3.78 -13.08
C GLN B 186 1.47 3.09 -14.44
N LEU B 187 1.25 1.77 -14.48
CA LEU B 187 1.40 1.04 -15.73
C LEU B 187 0.42 1.50 -16.79
N SER B 188 -0.77 1.97 -16.39
CA SER B 188 -1.72 2.43 -17.39
C SER B 188 -1.46 3.87 -17.81
N ILE B 189 -0.73 4.64 -17.00
CA ILE B 189 -0.21 5.91 -17.48
C ILE B 189 0.94 5.69 -18.45
N ASN B 190 1.81 4.71 -18.13
CA ASN B 190 2.99 4.48 -18.99
C ASN B 190 2.58 4.06 -20.39
N CYS B 191 1.45 3.38 -20.54
CA CYS B 191 0.99 2.99 -21.86
C CYS B 191 0.06 4.03 -22.47
N LEU B 192 -0.44 4.95 -21.66
CA LEU B 192 -1.13 6.12 -22.19
C LEU B 192 -0.17 7.05 -22.93
N ILE B 193 1.02 7.29 -22.35
CA ILE B 193 1.97 8.19 -23.00
C ILE B 193 2.46 7.60 -24.31
N ILE B 194 2.55 6.28 -24.41
CA ILE B 194 2.90 5.66 -25.69
C ILE B 194 1.77 5.85 -26.68
N SER B 195 0.53 5.75 -26.22
CA SER B 195 -0.62 5.93 -27.10
C SER B 195 -0.76 7.38 -27.57
N ILE B 196 -0.23 8.34 -26.82
CA ILE B 196 -0.22 9.73 -27.28
C ILE B 196 0.81 9.92 -28.38
N ASP B 197 2.01 9.35 -28.21
CA ASP B 197 3.06 9.48 -29.20
C ASP B 197 2.63 8.87 -30.53
N TYR B 198 2.18 7.63 -30.50
CA TYR B 198 1.75 7.00 -31.74
CA TYR B 198 1.68 6.85 -31.63
C TYR B 198 0.29 7.27 -32.08
N SER B 199 -0.34 8.20 -31.36
CA SER B 199 -1.69 8.71 -31.63
C SER B 199 -2.70 7.58 -31.88
N TYR B 200 -2.80 6.68 -30.90
CA TYR B 200 -3.90 5.74 -30.80
C TYR B 200 -4.95 6.33 -29.86
N PHE B 201 -5.58 7.42 -30.34
CA PHE B 201 -6.41 8.24 -29.47
C PHE B 201 -7.64 7.50 -28.94
N ASP B 202 -8.08 6.43 -29.60
CA ASP B 202 -9.13 5.60 -29.02
C ASP B 202 -8.61 4.87 -27.79
N HIS B 203 -7.38 4.34 -27.87
CA HIS B 203 -6.74 3.75 -26.71
C HIS B 203 -6.53 4.79 -25.61
N SER B 204 -6.16 6.01 -26.00
CA SER B 204 -5.90 7.05 -25.02
C SER B 204 -7.17 7.42 -24.26
N HIS B 205 -8.28 7.55 -24.97
CA HIS B 205 -9.55 7.84 -24.31
C HIS B 205 -9.94 6.73 -23.35
N TYR B 206 -9.78 5.47 -23.78
CA TYR B 206 -10.09 4.35 -22.90
C TYR B 206 -9.21 4.37 -21.66
N LEU B 207 -7.91 4.66 -21.83
CA LEU B 207 -7.02 4.64 -20.68
C LEU B 207 -7.28 5.81 -19.75
N ILE B 208 -7.67 6.97 -20.29
CA ILE B 208 -7.94 8.13 -19.45
C ILE B 208 -9.12 7.86 -18.53
N GLU B 209 -10.14 7.16 -19.02
CA GLU B 209 -11.29 6.88 -18.17
C GLU B 209 -10.97 5.82 -17.13
N LYS B 210 -10.09 4.87 -17.46
CA LYS B 210 -9.66 3.89 -16.47
C LYS B 210 -8.72 4.51 -15.45
N ILE B 211 -7.83 5.40 -15.89
CA ILE B 211 -6.89 6.04 -14.97
C ILE B 211 -7.64 6.96 -14.00
N GLU B 212 -8.59 7.75 -14.52
CA GLU B 212 -9.35 8.62 -13.64
CA GLU B 212 -9.37 8.62 -13.65
C GLU B 212 -10.14 7.80 -12.61
N PHE B 213 -10.64 6.64 -13.00
CA PHE B 213 -11.36 5.80 -12.05
C PHE B 213 -10.42 5.24 -10.99
N LEU B 214 -9.21 4.87 -11.39
CA LEU B 214 -8.27 4.30 -10.42
C LEU B 214 -7.77 5.33 -9.42
N LEU B 215 -7.78 6.62 -9.78
CA LEU B 215 -7.31 7.67 -8.89
C LEU B 215 -8.41 8.23 -8.01
N ARG B 216 -9.66 7.86 -8.26
CA ARG B 216 -10.77 8.38 -7.47
C ARG B 216 -10.68 7.85 -6.04
N ASP B 217 -10.89 8.74 -5.07
CA ASP B 217 -10.88 8.41 -3.64
C ASP B 217 -9.54 7.85 -3.20
N GLU B 218 -8.44 8.29 -3.82
CA GLU B 218 -7.11 7.85 -3.42
C GLU B 218 -6.21 9.07 -3.25
N LEU B 219 -5.22 8.93 -2.36
CA LEU B 219 -4.17 9.92 -2.18
C LEU B 219 -2.94 9.67 -3.06
N ASN B 220 -3.12 9.02 -4.21
CA ASN B 220 -2.02 8.78 -5.14
C ASN B 220 -1.58 10.07 -5.83
N PHE B 221 -1.01 11.00 -5.07
CA PHE B 221 -0.68 12.31 -5.63
C PHE B 221 0.38 12.21 -6.73
N TYR B 222 1.37 11.32 -6.56
CA TYR B 222 2.40 11.16 -7.59
C TYR B 222 1.78 10.71 -8.90
N GLU B 223 0.95 9.65 -8.85
CA GLU B 223 0.26 9.20 -10.05
C GLU B 223 -0.65 10.28 -10.60
N LYS B 224 -1.27 11.07 -9.72
CA LYS B 224 -2.17 12.12 -10.20
C LYS B 224 -1.39 13.25 -10.84
N THR B 225 -0.16 13.50 -10.37
CA THR B 225 0.64 14.59 -10.93
C THR B 225 1.20 14.24 -12.29
N VAL B 226 1.73 13.02 -12.45
CA VAL B 226 2.17 12.62 -13.78
C VAL B 226 0.98 12.48 -14.71
N PHE B 227 -0.18 12.10 -14.17
CA PHE B 227 -1.40 12.07 -14.98
C PHE B 227 -1.84 13.48 -15.38
N LEU B 228 -1.69 14.44 -14.48
CA LEU B 228 -2.01 15.83 -14.81
C LEU B 228 -1.15 16.33 -15.96
N TYR B 229 0.14 16.01 -15.94
CA TYR B 229 1.03 16.38 -17.04
C TYR B 229 0.65 15.64 -18.31
N VAL B 230 0.48 14.31 -18.22
CA VAL B 230 0.29 13.51 -19.42
C VAL B 230 -1.07 13.77 -20.05
N HIS B 231 -2.13 13.82 -19.23
CA HIS B 231 -3.43 14.16 -19.77
C HIS B 231 -3.45 15.57 -20.36
N GLY B 232 -2.69 16.50 -19.77
CA GLY B 232 -2.59 17.83 -20.35
C GLY B 232 -1.85 17.84 -21.67
N TYR B 233 -0.80 17.03 -21.79
CA TYR B 233 -0.12 16.86 -23.06
C TYR B 233 -1.07 16.29 -24.11
N TYR B 234 -2.00 15.43 -23.70
CA TYR B 234 -3.00 14.91 -24.64
C TYR B 234 -3.96 16.01 -25.07
N LYS B 235 -4.46 16.81 -24.11
CA LYS B 235 -5.35 17.91 -24.44
C LYS B 235 -4.66 18.97 -25.27
N LEU B 236 -3.33 19.05 -25.19
CA LEU B 236 -2.58 19.95 -26.04
C LEU B 236 -2.69 19.52 -27.50
N LYS B 237 -2.54 18.23 -27.78
CA LYS B 237 -2.69 17.69 -29.12
C LYS B 237 -4.16 17.59 -29.56
N GLN B 238 -5.11 17.75 -28.64
CA GLN B 238 -6.53 17.74 -28.97
C GLN B 238 -7.15 19.13 -29.00
N GLY B 239 -6.34 20.17 -29.22
CA GLY B 239 -6.89 21.51 -29.35
C GLY B 239 -7.50 22.10 -28.11
N GLN B 240 -6.86 21.93 -26.95
CA GLN B 240 -7.33 22.53 -25.69
C GLN B 240 -6.16 23.23 -25.04
N VAL B 241 -6.27 24.56 -24.91
CA VAL B 241 -5.15 25.33 -24.37
C VAL B 241 -4.98 25.10 -22.87
N SER B 242 -6.06 24.71 -22.18
CA SER B 242 -5.96 24.31 -20.78
C SER B 242 -4.89 23.26 -20.56
N GLY B 243 -4.69 22.39 -21.55
CA GLY B 243 -3.74 21.30 -21.40
C GLY B 243 -2.31 21.76 -21.16
N LYS B 244 -1.92 22.91 -21.71
CA LYS B 244 -0.51 23.25 -21.52
C LYS B 244 -0.33 23.89 -20.14
N ASP B 245 -1.44 24.40 -19.57
CA ASP B 245 -1.49 24.82 -18.16
C ASP B 245 -1.40 23.63 -17.22
N ASP B 246 -2.00 22.49 -17.61
CA ASP B 246 -1.91 21.31 -16.75
C ASP B 246 -0.47 20.79 -16.70
N MET B 247 0.24 20.86 -17.83
CA MET B 247 1.63 20.46 -17.85
C MET B 247 2.48 21.37 -16.97
N ARG B 248 2.19 22.67 -17.00
CA ARG B 248 2.98 23.62 -16.24
C ARG B 248 2.67 23.54 -14.75
N GLN B 249 1.43 23.25 -14.40
CA GLN B 249 1.08 23.01 -13.00
C GLN B 249 1.77 21.77 -12.47
N ALA B 250 1.88 20.73 -13.30
CA ALA B 250 2.57 19.51 -12.88
C ALA B 250 4.05 19.77 -12.62
N LEU B 251 4.68 20.61 -13.45
CA LEU B 251 6.09 20.94 -13.22
C LEU B 251 6.27 21.68 -11.90
N GLN B 252 5.31 22.55 -11.55
CA GLN B 252 5.44 23.27 -10.28
C GLN B 252 5.24 22.35 -9.09
N ILE B 253 4.47 21.27 -9.25
CA ILE B 253 4.34 20.30 -8.17
C ILE B 253 5.68 19.60 -7.92
N PHE B 254 6.35 19.18 -8.99
CA PHE B 254 7.69 18.63 -8.85
C PHE B 254 8.64 19.66 -8.25
N LYS B 255 8.50 20.93 -8.64
CA LYS B 255 9.38 21.98 -8.12
C LYS B 255 9.09 22.22 -6.64
N TYR B 256 7.82 22.31 -6.26
CA TYR B 256 7.49 22.63 -4.88
C TYR B 256 7.85 21.50 -3.94
N LEU B 257 7.92 20.26 -4.44
CA LEU B 257 8.20 19.10 -3.60
C LEU B 257 9.67 18.71 -3.63
N GLY B 258 10.53 19.51 -4.26
CA GLY B 258 11.94 19.21 -4.31
C GLY B 258 12.31 18.00 -5.11
N GLU B 259 11.38 17.40 -5.84
CA GLU B 259 11.67 16.22 -6.66
C GLU B 259 12.41 16.70 -7.90
N ASP B 260 13.71 16.96 -7.73
CA ASP B 260 14.50 17.57 -8.79
C ASP B 260 14.67 16.63 -9.97
N ALA B 261 14.89 15.34 -9.71
CA ALA B 261 15.11 14.39 -10.80
C ALA B 261 13.92 14.34 -11.73
N LEU B 262 12.71 14.32 -11.18
CA LEU B 262 11.51 14.31 -12.02
C LEU B 262 11.28 15.66 -12.69
N TYR B 263 11.64 16.76 -12.00
CA TYR B 263 11.42 18.08 -12.57
C TYR B 263 12.25 18.29 -13.83
N TYR B 264 13.56 18.03 -13.75
CA TYR B 264 14.43 18.31 -14.87
C TYR B 264 14.16 17.37 -16.05
N SER B 265 13.71 16.15 -15.77
CA SER B 265 13.38 15.23 -16.84
C SER B 265 12.06 15.58 -17.52
N TYR B 266 11.12 16.20 -16.80
CA TYR B 266 9.83 16.57 -17.37
C TYR B 266 9.82 17.96 -17.99
N LYS B 267 10.62 18.90 -17.48
CA LYS B 267 10.70 20.21 -18.12
C LYS B 267 11.57 20.17 -19.37
N GLU B 268 12.50 19.21 -19.44
CA GLU B 268 13.29 19.01 -20.65
C GLU B 268 12.43 18.49 -21.79
N HIS B 269 11.49 17.61 -21.47
CA HIS B 269 10.49 17.17 -22.44
C HIS B 269 9.43 18.22 -22.69
N TYR B 270 9.17 19.09 -21.71
CA TYR B 270 8.16 20.11 -21.87
C TYR B 270 8.52 21.07 -23.00
N ARG B 271 9.68 21.72 -22.93
CA ARG B 271 10.02 22.72 -23.94
C ARG B 271 10.50 22.09 -25.24
N LYS B 272 10.77 20.78 -25.25
CA LYS B 272 11.18 20.11 -26.47
C LYS B 272 9.99 19.75 -27.35
N GLU B 273 8.79 19.70 -26.77
CA GLU B 273 7.56 19.47 -27.52
C GLU B 273 6.55 20.58 -27.26
N VAL B 274 7.04 21.76 -26.87
CA VAL B 274 6.22 22.95 -26.73
C VAL B 274 6.93 24.12 -27.39
N LEU B 275 8.20 24.33 -27.05
CA LEU B 275 8.97 25.44 -27.60
C LEU B 275 9.97 24.92 -28.63
N GLY B 276 11.26 25.10 -28.36
CA GLY B 276 12.31 24.70 -29.27
C GLY B 276 13.57 24.25 -28.56
#